data_6CEN
#
_entry.id   6CEN
#
_cell.length_a   42.870
_cell.length_b   62.660
_cell.length_c   48.600
_cell.angle_alpha   90.000
_cell.angle_beta   107.920
_cell.angle_gamma   90.000
#
_symmetry.space_group_name_H-M   'P 1 21 1'
#
loop_
_entity.id
_entity.type
_entity.pdbx_description
1 polymer 'Histone-lysine N-methyltransferase NSD3'
2 polymer ACE-GLY-VAL-NLE-ARG-ILE-NH2
3 non-polymer S-ADENOSYLMETHIONINE
4 non-polymer 'ZINC ION'
5 water water
#
loop_
_entity_poly.entity_id
_entity_poly.type
_entity_poly.pdbx_seq_one_letter_code
_entity_poly.pdbx_strand_id
1 'polypeptide(L)'
;KEALEIEKNSRKPPPYKHIKANKVIGKVQIQVADLSEIPRCNCKPADENPCGLESECLNRMLQYECHPQVCPAGDRCQNQ
CFTKRLYPDAEIIKTERRGWGLRTKRSIKKGEFVNEYVGELIDEEECRLRIKRAHENSVTNFYMLTVTKDRIIDAGPKGN
YSRFMNHSCNPNCETQKWTVNGDVRVGLFALCDIPAGMELTFNYNLDCLGNGRTECHCGADNCSGFLG
;
A
2 'polypeptide(L)' (ACE)GV(NLE)RI(NH2) D
#
# COMPACT_ATOMS: atom_id res chain seq x y z
N LYS A 1 30.33 -21.15 -22.52
CA LYS A 1 30.87 -20.62 -21.20
C LYS A 1 30.23 -19.30 -20.71
N GLU A 2 29.08 -18.94 -21.26
CA GLU A 2 28.69 -17.53 -21.36
C GLU A 2 28.22 -16.98 -20.02
N ALA A 3 28.72 -15.80 -19.66
CA ALA A 3 28.17 -15.03 -18.55
C ALA A 3 26.68 -14.70 -18.80
N LEU A 4 26.32 -14.45 -20.06
CA LEU A 4 24.92 -14.27 -20.46
C LEU A 4 24.04 -15.50 -20.14
N GLU A 5 24.58 -16.69 -20.41
CA GLU A 5 23.86 -17.95 -20.17
C GLU A 5 23.66 -18.28 -18.69
N ILE A 6 24.43 -17.69 -17.77
CA ILE A 6 24.31 -18.05 -16.34
C ILE A 6 22.92 -17.60 -15.85
N GLU A 7 21.91 -18.39 -16.22
CA GLU A 7 20.49 -18.06 -16.04
C GLU A 7 20.07 -18.29 -14.60
N LYS A 8 20.11 -17.20 -13.84
CA LYS A 8 19.69 -17.19 -12.44
C LYS A 8 18.45 -16.31 -12.27
N ASN A 9 17.59 -16.28 -13.30
CA ASN A 9 16.27 -15.66 -13.19
C ASN A 9 15.47 -16.55 -12.25
N SER A 10 15.27 -16.08 -11.03
CA SER A 10 14.39 -16.77 -10.11
C SER A 10 13.05 -16.94 -10.83
N ARG A 11 12.52 -18.16 -10.82
CA ARG A 11 11.24 -18.44 -11.46
C ARG A 11 10.09 -17.98 -10.57
N LYS A 12 10.38 -17.79 -9.27
CA LYS A 12 9.42 -17.23 -8.32
C LYS A 12 10.08 -16.33 -7.25
N PRO A 13 9.32 -15.38 -6.69
CA PRO A 13 9.92 -14.55 -5.65
C PRO A 13 10.30 -15.36 -4.42
N PRO A 14 11.26 -14.87 -3.63
CA PRO A 14 11.54 -15.51 -2.36
C PRO A 14 10.30 -15.57 -1.48
N PRO A 15 10.29 -16.50 -0.51
CA PRO A 15 9.05 -16.67 0.24
C PRO A 15 8.66 -15.50 1.14
N TYR A 16 7.34 -15.34 1.30
CA TYR A 16 6.76 -14.45 2.29
C TYR A 16 5.42 -15.04 2.66
N LYS A 17 4.89 -14.64 3.81
CA LYS A 17 3.56 -15.08 4.23
C LYS A 17 2.51 -14.10 3.70
N HIS A 18 1.61 -14.60 2.87
CA HIS A 18 0.57 -13.74 2.29
C HIS A 18 -0.52 -13.59 3.34
N ILE A 19 -0.74 -12.36 3.79
CA ILE A 19 -1.63 -12.06 4.92
C ILE A 19 -2.70 -11.06 4.51
N LYS A 20 -3.80 -11.08 5.24
CA LYS A 20 -4.92 -10.19 4.96
C LYS A 20 -4.84 -8.87 5.67
N ALA A 21 -4.25 -8.84 6.86
CA ALA A 21 -4.28 -7.65 7.68
C ALA A 21 -3.01 -7.55 8.50
N ASN A 22 -2.71 -6.35 8.95
CA ASN A 22 -1.48 -6.07 9.70
C ASN A 22 -1.35 -6.93 10.96
N LYS A 23 -0.11 -7.26 11.32
CA LYS A 23 0.21 -8.12 12.48
C LYS A 23 1.11 -7.33 13.43
N VAL A 24 0.62 -6.94 14.62
CA VAL A 24 1.44 -6.15 15.56
C VAL A 24 2.62 -6.95 16.14
N ILE A 25 3.75 -6.26 16.37
CA ILE A 25 4.97 -6.93 16.85
C ILE A 25 5.51 -6.21 18.07
N GLY A 26 5.87 -6.99 19.09
CA GLY A 26 6.52 -6.45 20.29
C GLY A 26 5.69 -5.43 21.06
N LYS A 27 6.26 -4.25 21.26
CA LYS A 27 5.59 -3.18 22.00
C LYS A 27 4.38 -2.57 21.28
N VAL A 28 4.32 -2.73 19.96
CA VAL A 28 3.30 -2.08 19.16
C VAL A 28 1.98 -2.70 19.55
N GLN A 29 0.99 -1.85 19.83
CA GLN A 29 -0.30 -2.34 20.27
C GLN A 29 -1.42 -2.06 19.30
N ILE A 30 -2.50 -2.80 19.55
CA ILE A 30 -3.70 -2.81 18.74
C ILE A 30 -4.47 -1.54 19.04
N GLN A 31 -4.84 -0.81 18.00
CA GLN A 31 -5.67 0.38 18.12
C GLN A 31 -7.04 0.07 17.56
N VAL A 32 -8.07 0.13 18.40
CA VAL A 32 -9.45 -0.13 17.95
C VAL A 32 -10.37 0.93 18.55
N ALA A 33 -11.30 1.45 17.75
CA ALA A 33 -12.29 2.41 18.24
C ALA A 33 -13.44 1.68 18.86
N ASP A 34 -14.06 2.33 19.84
CA ASP A 34 -15.39 1.90 20.22
C ASP A 34 -16.36 2.31 19.09
N LEU A 35 -17.43 1.57 18.91
CA LEU A 35 -18.47 1.95 17.96
C LEU A 35 -18.94 3.38 18.24
N SER A 36 -18.96 3.76 19.52
CA SER A 36 -19.31 5.12 19.90
C SER A 36 -18.37 6.21 19.36
N GLU A 37 -17.13 5.84 19.01
CA GLU A 37 -16.09 6.78 18.54
C GLU A 37 -15.97 6.89 17.02
N ILE A 38 -16.71 6.06 16.29
CA ILE A 38 -16.64 6.08 14.81
C ILE A 38 -17.42 7.30 14.30
N PRO A 39 -16.79 8.16 13.47
CA PRO A 39 -17.52 9.30 12.92
C PRO A 39 -18.65 8.89 11.95
N ARG A 40 -19.75 9.64 12.05
CA ARG A 40 -20.90 9.47 11.18
C ARG A 40 -20.93 10.60 10.17
N CYS A 41 -21.03 10.26 8.89
CA CYS A 41 -21.16 11.25 7.84
C CYS A 41 -22.62 11.71 7.69
N ASN A 42 -22.84 12.69 6.81
CA ASN A 42 -24.18 13.23 6.55
C ASN A 42 -24.79 12.80 5.21
N CYS A 43 -24.22 11.76 4.56
CA CYS A 43 -24.76 11.25 3.31
C CYS A 43 -26.11 10.61 3.60
N LYS A 44 -26.95 10.54 2.58
CA LYS A 44 -28.31 9.98 2.70
C LYS A 44 -28.40 8.62 2.00
N PRO A 45 -29.11 7.65 2.61
CA PRO A 45 -29.19 6.32 1.99
C PRO A 45 -29.86 6.29 0.62
N ALA A 46 -30.72 7.28 0.33
CA ALA A 46 -31.31 7.46 -1.01
C ALA A 46 -30.35 8.01 -2.09
N ASP A 47 -29.18 8.52 -1.68
CA ASP A 47 -28.18 9.08 -2.64
C ASP A 47 -27.77 8.11 -3.72
N GLU A 48 -27.45 8.65 -4.91
CA GLU A 48 -26.71 7.92 -5.91
C GLU A 48 -25.28 7.85 -5.42
N ASN A 49 -24.74 6.64 -5.30
CA ASN A 49 -23.35 6.44 -4.86
C ASN A 49 -23.06 7.09 -3.51
N PRO A 50 -23.75 6.59 -2.47
CA PRO A 50 -23.56 7.19 -1.15
C PRO A 50 -22.14 6.92 -0.65
N CYS A 51 -21.51 7.98 -0.16
CA CYS A 51 -20.13 7.94 0.31
C CYS A 51 -19.10 7.57 -0.77
N GLY A 52 -19.44 7.82 -2.03
CA GLY A 52 -18.57 7.46 -3.15
C GLY A 52 -17.52 8.51 -3.46
N LEU A 53 -16.66 8.21 -4.44
CA LEU A 53 -15.58 9.12 -4.84
C LEU A 53 -16.03 10.53 -5.19
N GLU A 54 -17.17 10.63 -5.87
CA GLU A 54 -17.71 11.92 -6.29
C GLU A 54 -18.54 12.61 -5.22
N SER A 55 -18.77 11.95 -4.09
CA SER A 55 -19.72 12.45 -3.09
C SER A 55 -19.12 13.56 -2.27
N GLU A 56 -19.97 14.20 -1.49
CA GLU A 56 -19.55 15.20 -0.52
C GLU A 56 -19.04 14.58 0.80
N CYS A 57 -18.88 13.25 0.85
CA CYS A 57 -18.86 12.52 2.11
C CYS A 57 -17.86 13.08 3.10
N LEU A 58 -18.33 13.49 4.27
CA LEU A 58 -17.46 14.08 5.31
C LEU A 58 -16.39 13.09 5.78
N ASN A 59 -16.75 11.82 5.90
CA ASN A 59 -15.77 10.79 6.30
C ASN A 59 -14.68 10.61 5.23
N ARG A 60 -15.08 10.44 3.98
CA ARG A 60 -14.14 10.17 2.90
C ARG A 60 -13.23 11.38 2.71
N MET A 61 -13.79 12.59 2.85
CA MET A 61 -13.00 13.81 2.75
C MET A 61 -11.86 13.91 3.77
N LEU A 62 -12.04 13.30 4.94
CA LEU A 62 -11.03 13.28 5.99
C LEU A 62 -10.28 11.94 6.09
N GLN A 63 -10.45 11.12 5.05
CA GLN A 63 -9.81 9.80 4.97
C GLN A 63 -10.17 8.93 6.19
N TYR A 64 -11.47 8.97 6.54
CA TYR A 64 -12.06 8.07 7.53
CA TYR A 64 -12.02 8.03 7.54
C TYR A 64 -12.98 7.09 6.80
N GLU A 65 -12.81 5.80 7.04
CA GLU A 65 -13.68 4.78 6.49
C GLU A 65 -14.96 4.72 7.30
N CYS A 66 -16.10 4.60 6.61
CA CYS A 66 -17.38 4.39 7.30
C CYS A 66 -17.48 3.01 7.91
N HIS A 67 -18.23 2.91 9.01
CA HIS A 67 -18.59 1.62 9.61
C HIS A 67 -20.09 1.43 9.29
N PRO A 68 -20.46 0.29 8.71
CA PRO A 68 -21.84 0.11 8.18
C PRO A 68 -22.96 0.23 9.24
N GLN A 69 -22.69 -0.22 10.46
CA GLN A 69 -23.58 0.02 11.60
C GLN A 69 -23.75 1.50 12.00
N VAL A 70 -22.86 2.37 11.51
CA VAL A 70 -22.87 3.79 11.85
C VAL A 70 -23.37 4.68 10.71
N CYS A 71 -22.96 4.38 9.48
CA CYS A 71 -23.20 5.27 8.35
C CYS A 71 -24.70 5.40 8.02
N PRO A 72 -25.22 6.63 7.77
CA PRO A 72 -26.65 6.69 7.40
C PRO A 72 -27.02 5.89 6.15
N ALA A 73 -26.06 5.60 5.27
CA ALA A 73 -26.27 4.85 4.02
C ALA A 73 -26.40 3.34 4.19
N GLY A 74 -26.16 2.79 5.38
CA GLY A 74 -26.22 1.34 5.54
C GLY A 74 -25.15 0.61 4.75
N ASP A 75 -25.53 -0.53 4.19
CA ASP A 75 -24.62 -1.34 3.38
C ASP A 75 -24.51 -0.85 1.94
N ARG A 76 -25.28 0.18 1.55
CA ARG A 76 -25.06 0.86 0.26
C ARG A 76 -23.79 1.74 0.26
N CYS A 77 -23.28 2.05 1.45
CA CYS A 77 -22.10 2.89 1.61
C CYS A 77 -20.93 2.42 0.74
N GLN A 78 -20.39 3.32 -0.09
CA GLN A 78 -19.24 3.04 -0.94
C GLN A 78 -17.88 3.44 -0.32
N ASN A 79 -17.87 3.64 1.00
CA ASN A 79 -16.65 3.99 1.74
C ASN A 79 -16.32 2.92 2.80
N GLN A 80 -16.29 1.66 2.36
CA GLN A 80 -15.96 0.51 3.19
C GLN A 80 -14.84 -0.31 2.55
N CYS A 81 -13.97 0.38 1.82
CA CYS A 81 -12.98 -0.30 0.97
C CYS A 81 -11.96 -1.16 1.67
N PHE A 82 -11.40 -0.65 2.78
CA PHE A 82 -10.37 -1.37 3.51
C PHE A 82 -10.95 -2.63 4.10
N THR A 83 -12.09 -2.50 4.77
CA THR A 83 -12.71 -3.63 5.45
C THR A 83 -13.25 -4.68 4.47
N LYS A 84 -13.79 -4.25 3.33
CA LYS A 84 -14.33 -5.20 2.32
C LYS A 84 -13.19 -5.91 1.57
N ARG A 85 -11.99 -5.35 1.61
CA ARG A 85 -10.82 -5.88 0.90
C ARG A 85 -11.12 -6.20 -0.57
N LEU A 86 -11.90 -5.36 -1.23
CA LEU A 86 -12.15 -5.55 -2.65
C LEU A 86 -11.03 -4.80 -3.35
N TYR A 87 -10.11 -5.57 -3.90
CA TYR A 87 -8.97 -5.05 -4.63
C TYR A 87 -9.13 -5.44 -6.10
N PRO A 88 -8.77 -4.55 -7.03
CA PRO A 88 -8.60 -4.98 -8.43
C PRO A 88 -7.62 -6.15 -8.50
N ASP A 89 -8.01 -7.21 -9.22
CA ASP A 89 -7.18 -8.39 -9.37
C ASP A 89 -5.83 -7.98 -9.95
N ALA A 90 -4.77 -8.53 -9.37
CA ALA A 90 -3.40 -8.16 -9.71
C ALA A 90 -2.57 -9.40 -9.93
N GLU A 91 -1.41 -9.21 -10.53
CA GLU A 91 -0.57 -10.29 -10.98
C GLU A 91 0.88 -9.90 -10.79
N ILE A 92 1.65 -10.79 -10.18
CA ILE A 92 3.09 -10.58 -10.03
C ILE A 92 3.79 -10.73 -11.38
N ILE A 93 4.73 -9.83 -11.66
CA ILE A 93 5.47 -9.81 -12.93
C ILE A 93 6.97 -9.80 -12.66
N LYS A 94 7.76 -10.34 -13.61
CA LYS A 94 9.21 -10.22 -13.50
C LYS A 94 9.69 -9.06 -14.35
N THR A 95 10.41 -8.13 -13.74
CA THR A 95 11.05 -7.05 -14.47
C THR A 95 12.54 -7.39 -14.64
N GLU A 96 13.22 -6.66 -15.51
CA GLU A 96 14.63 -6.87 -15.74
C GLU A 96 15.50 -6.25 -14.68
N ARG A 97 15.18 -5.04 -14.24
CA ARG A 97 16.05 -4.27 -13.35
C ARG A 97 15.43 -3.82 -12.03
N ARG A 98 14.16 -4.16 -11.83
CA ARG A 98 13.41 -3.74 -10.65
C ARG A 98 12.81 -4.96 -9.94
N GLY A 99 13.41 -6.13 -10.16
CA GLY A 99 12.99 -7.34 -9.48
C GLY A 99 11.60 -7.75 -9.92
N TRP A 100 10.84 -8.27 -8.96
CA TRP A 100 9.45 -8.60 -9.18
C TRP A 100 8.60 -7.32 -9.01
N GLY A 101 7.58 -7.19 -9.85
CA GLY A 101 6.64 -6.08 -9.80
C GLY A 101 5.21 -6.56 -9.75
N LEU A 102 4.26 -5.65 -9.88
CA LEU A 102 2.83 -6.00 -9.85
C LEU A 102 2.09 -5.26 -10.95
N ARG A 103 1.22 -5.98 -11.68
CA ARG A 103 0.36 -5.33 -12.66
C ARG A 103 -1.10 -5.59 -12.35
N THR A 104 -1.95 -4.69 -12.83
CA THR A 104 -3.39 -4.85 -12.67
C THR A 104 -3.92 -5.72 -13.81
N LYS A 105 -4.86 -6.58 -13.49
CA LYS A 105 -5.52 -7.43 -14.48
C LYS A 105 -6.77 -6.77 -15.02
N ARG A 106 -7.23 -5.71 -14.36
CA ARG A 106 -8.36 -4.93 -14.90
C ARG A 106 -8.11 -3.45 -14.86
N SER A 107 -8.95 -2.73 -15.58
CA SER A 107 -8.88 -1.27 -15.63
CA SER A 107 -8.88 -1.28 -15.63
C SER A 107 -9.30 -0.67 -14.29
N ILE A 108 -8.63 0.40 -13.92
CA ILE A 108 -8.84 1.08 -12.65
C ILE A 108 -9.08 2.55 -12.97
N LYS A 109 -10.03 3.16 -12.27
CA LYS A 109 -10.37 4.55 -12.49
C LYS A 109 -9.63 5.42 -11.50
N LYS A 110 -9.35 6.66 -11.91
CA LYS A 110 -8.70 7.66 -11.05
C LYS A 110 -9.40 7.76 -9.70
N GLY A 111 -8.61 7.78 -8.63
CA GLY A 111 -9.11 7.88 -7.26
C GLY A 111 -9.54 6.59 -6.60
N GLU A 112 -9.63 5.50 -7.37
CA GLU A 112 -10.13 4.21 -6.87
C GLU A 112 -9.12 3.55 -5.92
N PHE A 113 -9.65 2.88 -4.90
CA PHE A 113 -8.86 2.05 -3.98
C PHE A 113 -8.27 0.86 -4.73
N VAL A 114 -6.95 0.74 -4.66
CA VAL A 114 -6.20 -0.28 -5.38
C VAL A 114 -5.80 -1.43 -4.44
N ASN A 115 -5.35 -1.08 -3.22
CA ASN A 115 -4.89 -2.10 -2.26
C ASN A 115 -4.70 -1.48 -0.90
N GLU A 116 -4.49 -2.35 0.09
CA GLU A 116 -4.00 -1.94 1.38
C GLU A 116 -2.55 -2.37 1.53
N TYR A 117 -1.68 -1.48 2.02
CA TYR A 117 -0.29 -1.85 2.35
C TYR A 117 -0.28 -2.53 3.70
N VAL A 118 -0.18 -3.85 3.71
CA VAL A 118 -0.17 -4.62 4.96
C VAL A 118 1.17 -5.28 5.24
N GLY A 119 1.42 -5.56 6.50
CA GLY A 119 2.65 -6.24 6.92
C GLY A 119 2.72 -6.40 8.41
N GLU A 120 3.92 -6.73 8.90
CA GLU A 120 4.16 -6.67 10.35
C GLU A 120 4.27 -5.22 10.81
N LEU A 121 3.58 -4.89 11.90
CA LEU A 121 3.61 -3.54 12.44
C LEU A 121 4.67 -3.49 13.53
N ILE A 122 5.72 -2.71 13.31
CA ILE A 122 6.91 -2.68 14.18
C ILE A 122 7.21 -1.25 14.61
N ASP A 123 7.99 -1.10 15.68
CA ASP A 123 8.40 0.21 16.13
C ASP A 123 9.73 0.62 15.47
N GLU A 124 10.10 1.88 15.69
CA GLU A 124 11.31 2.43 15.09
C GLU A 124 12.54 1.59 15.38
N GLU A 125 12.68 1.17 16.64
CA GLU A 125 13.82 0.40 17.07
C GLU A 125 13.96 -0.91 16.30
N GLU A 126 12.84 -1.63 16.19
CA GLU A 126 12.78 -2.89 15.43
C GLU A 126 13.04 -2.60 13.95
N CYS A 127 12.46 -1.52 13.43
CA CYS A 127 12.72 -1.14 12.02
C CYS A 127 14.22 -0.99 11.76
N ARG A 128 14.90 -0.25 12.64
CA ARG A 128 16.34 -0.05 12.48
C ARG A 128 17.16 -1.32 12.61
N LEU A 129 16.82 -2.17 13.57
CA LEU A 129 17.47 -3.48 13.72
C LEU A 129 17.36 -4.29 12.42
N ARG A 130 16.15 -4.31 11.86
CA ARG A 130 15.89 -5.09 10.64
C ARG A 130 16.69 -4.57 9.45
N ILE A 131 16.75 -3.26 9.33
CA ILE A 131 17.55 -2.62 8.29
C ILE A 131 19.04 -2.94 8.46
N LYS A 132 19.54 -2.87 9.70
CA LYS A 132 20.94 -3.22 10.00
C LYS A 132 21.27 -4.67 9.61
N ARG A 133 20.42 -5.60 10.05
CA ARG A 133 20.58 -7.02 9.71
C ARG A 133 20.51 -7.26 8.19
N ALA A 134 19.60 -6.55 7.51
CA ALA A 134 19.51 -6.59 6.04
C ALA A 134 20.83 -6.13 5.37
N HIS A 135 21.35 -4.98 5.80
CA HIS A 135 22.67 -4.53 5.30
C HIS A 135 23.81 -5.53 5.56
N GLU A 136 23.81 -6.13 6.74
CA GLU A 136 24.79 -7.17 7.08
C GLU A 136 24.67 -8.39 6.16
N ASN A 137 23.45 -8.70 5.72
CA ASN A 137 23.22 -9.80 4.79
C ASN A 137 23.14 -9.37 3.30
N SER A 138 23.60 -8.16 2.98
CA SER A 138 23.60 -7.61 1.61
C SER A 138 22.23 -7.71 0.92
N VAL A 139 21.19 -7.44 1.68
CA VAL A 139 19.80 -7.43 1.17
C VAL A 139 19.60 -6.08 0.55
N THR A 140 18.96 -6.07 -0.62
CA THR A 140 18.72 -4.82 -1.35
C THR A 140 17.24 -4.46 -1.57
N ASN A 141 16.35 -5.30 -1.06
CA ASN A 141 14.92 -5.06 -1.12
C ASN A 141 14.42 -4.69 0.26
N PHE A 142 13.74 -3.55 0.34
CA PHE A 142 13.18 -3.04 1.58
C PHE A 142 11.71 -2.77 1.41
N TYR A 143 10.93 -3.13 2.44
CA TYR A 143 9.46 -3.11 2.38
C TYR A 143 8.87 -2.32 3.56
N MET A 144 9.66 -1.42 4.14
CA MET A 144 9.29 -0.66 5.35
CA MET A 144 9.24 -0.72 5.35
C MET A 144 8.59 0.62 4.99
N LEU A 145 7.45 0.91 5.62
CA LEU A 145 6.74 2.17 5.38
C LEU A 145 6.30 2.74 6.73
N THR A 146 6.65 4.02 6.96
CA THR A 146 6.24 4.72 8.20
C THR A 146 4.78 5.13 8.13
N VAL A 147 4.00 4.75 9.13
CA VAL A 147 2.62 5.21 9.25
C VAL A 147 2.64 6.43 10.17
N THR A 148 3.21 6.23 11.36
CA THR A 148 3.55 7.31 12.30
C THR A 148 4.93 6.98 12.86
N LYS A 149 5.52 7.87 13.67
CA LYS A 149 6.97 7.78 13.96
C LYS A 149 7.46 6.47 14.59
N ASP A 150 6.59 5.83 15.39
CA ASP A 150 6.83 4.51 16.03
C ASP A 150 5.88 3.39 15.56
N ARG A 151 5.24 3.57 14.41
CA ARG A 151 4.41 2.53 13.80
C ARG A 151 4.87 2.44 12.35
N ILE A 152 5.61 1.37 12.03
CA ILE A 152 6.14 1.14 10.68
C ILE A 152 5.58 -0.19 10.19
N ILE A 153 5.08 -0.22 8.95
CA ILE A 153 4.62 -1.49 8.35
C ILE A 153 5.77 -2.11 7.60
N ASP A 154 6.16 -3.34 7.96
CA ASP A 154 7.17 -4.09 7.25
C ASP A 154 6.46 -5.20 6.48
N ALA A 155 6.34 -5.00 5.16
CA ALA A 155 5.69 -5.96 4.26
C ALA A 155 6.66 -7.02 3.72
N GLY A 156 7.86 -7.07 4.29
CA GLY A 156 8.91 -7.99 3.83
C GLY A 156 8.63 -9.44 4.18
N PRO A 157 8.55 -9.74 5.48
CA PRO A 157 8.29 -11.15 5.87
C PRO A 157 6.87 -11.61 5.62
N LYS A 158 5.91 -10.70 5.76
CA LYS A 158 4.51 -10.98 5.58
C LYS A 158 3.89 -9.76 4.92
N GLY A 159 3.00 -9.96 3.95
CA GLY A 159 2.30 -8.86 3.31
C GLY A 159 1.28 -9.38 2.33
N ASN A 160 0.71 -8.49 1.51
CA ASN A 160 -0.16 -8.93 0.41
C ASN A 160 0.50 -8.49 -0.89
N TYR A 161 -0.26 -8.44 -1.99
CA TYR A 161 0.34 -8.14 -3.27
C TYR A 161 0.94 -6.75 -3.35
N SER A 162 0.51 -5.81 -2.50
CA SER A 162 1.11 -4.47 -2.47
C SER A 162 2.62 -4.45 -2.24
N ARG A 163 3.18 -5.51 -1.63
CA ARG A 163 4.61 -5.56 -1.34
C ARG A 163 5.43 -5.62 -2.63
N PHE A 164 4.76 -6.02 -3.71
CA PHE A 164 5.41 -6.09 -5.02
C PHE A 164 5.38 -4.83 -5.83
N MET A 165 4.69 -3.79 -5.39
CA MET A 165 4.58 -2.57 -6.19
C MET A 165 5.88 -1.80 -6.14
N ASN A 166 6.44 -1.57 -7.32
CA ASN A 166 7.68 -0.82 -7.41
C ASN A 166 7.53 0.69 -7.30
N HIS A 167 8.67 1.34 -7.01
CA HIS A 167 8.76 2.80 -6.98
C HIS A 167 8.76 3.36 -8.39
N SER A 168 8.00 4.43 -8.60
CA SER A 168 8.19 5.26 -9.78
C SER A 168 8.26 6.72 -9.43
N CYS A 169 9.11 7.45 -10.15
CA CYS A 169 9.15 8.89 -10.11
C CYS A 169 7.97 9.58 -10.79
N ASN A 170 7.24 8.84 -11.62
CA ASN A 170 6.01 9.29 -12.25
C ASN A 170 4.97 8.20 -12.09
N PRO A 171 4.51 8.02 -10.83
CA PRO A 171 3.69 6.84 -10.53
C PRO A 171 2.22 6.94 -10.98
N ASN A 172 1.55 5.79 -10.98
CA ASN A 172 0.11 5.77 -11.21
C ASN A 172 -0.75 5.59 -9.93
N CYS A 173 -0.12 5.29 -8.80
CA CYS A 173 -0.81 5.17 -7.49
C CYS A 173 -0.07 5.97 -6.43
N GLU A 174 -0.74 6.21 -5.30
CA GLU A 174 -0.12 6.89 -4.16
C GLU A 174 -0.60 6.27 -2.90
N THR A 175 0.18 6.38 -1.84
CA THR A 175 -0.23 5.91 -0.52
C THR A 175 -1.03 7.03 0.17
N GLN A 176 -2.01 6.62 0.97
CA GLN A 176 -2.77 7.54 1.84
C GLN A 176 -3.00 6.87 3.17
N LYS A 177 -2.96 7.69 4.22
CA LYS A 177 -3.20 7.27 5.58
C LYS A 177 -4.68 7.44 5.87
N TRP A 178 -5.35 6.34 6.22
CA TRP A 178 -6.77 6.35 6.52
C TRP A 178 -7.00 5.81 7.92
N THR A 179 -8.12 6.22 8.52
CA THR A 179 -8.53 5.68 9.80
C THR A 179 -9.69 4.74 9.53
N VAL A 180 -9.56 3.51 10.02
CA VAL A 180 -10.53 2.44 9.84
C VAL A 180 -10.76 1.85 11.21
N ASN A 181 -11.97 1.99 11.74
CA ASN A 181 -12.35 1.43 13.03
CA ASN A 181 -12.33 1.43 13.05
C ASN A 181 -11.32 1.85 14.11
N GLY A 182 -10.95 3.13 14.06
CA GLY A 182 -9.97 3.72 15.01
C GLY A 182 -8.50 3.40 14.84
N ASP A 183 -8.17 2.58 13.83
CA ASP A 183 -6.79 2.22 13.55
C ASP A 183 -6.33 2.95 12.28
N VAL A 184 -5.07 3.35 12.25
CA VAL A 184 -4.49 4.03 11.10
C VAL A 184 -3.89 2.97 10.16
N ARG A 185 -4.40 2.93 8.93
CA ARG A 185 -3.93 1.96 7.92
C ARG A 185 -3.59 2.71 6.65
N VAL A 186 -2.89 2.01 5.75
CA VAL A 186 -2.35 2.65 4.57
C VAL A 186 -2.96 2.04 3.33
N GLY A 187 -3.57 2.89 2.51
CA GLY A 187 -4.14 2.47 1.26
C GLY A 187 -3.34 2.95 0.09
N LEU A 188 -3.48 2.23 -1.01
CA LEU A 188 -2.97 2.65 -2.30
CA LEU A 188 -2.96 2.61 -2.33
C LEU A 188 -4.16 3.01 -3.17
N PHE A 189 -4.08 4.18 -3.82
CA PHE A 189 -5.15 4.78 -4.60
C PHE A 189 -4.63 5.22 -5.95
N ALA A 190 -5.45 5.04 -6.99
CA ALA A 190 -5.02 5.40 -8.34
C ALA A 190 -4.96 6.92 -8.51
N LEU A 191 -3.88 7.38 -9.11
CA LEU A 191 -3.68 8.82 -9.40
C LEU A 191 -4.27 9.22 -10.75
N CYS A 192 -4.55 8.23 -11.57
CA CYS A 192 -5.07 8.42 -12.91
C CYS A 192 -5.84 7.18 -13.31
N ASP A 193 -6.52 7.23 -14.45
CA ASP A 193 -7.06 6.01 -15.04
C ASP A 193 -5.91 5.08 -15.41
N ILE A 194 -6.05 3.80 -15.08
CA ILE A 194 -5.00 2.79 -15.33
C ILE A 194 -5.61 1.67 -16.15
N PRO A 195 -5.10 1.43 -17.37
CA PRO A 195 -5.62 0.35 -18.20
C PRO A 195 -5.24 -1.01 -17.66
N ALA A 196 -6.07 -2.00 -17.93
CA ALA A 196 -5.73 -3.37 -17.64
C ALA A 196 -4.37 -3.73 -18.21
N GLY A 197 -3.56 -4.45 -17.44
CA GLY A 197 -2.24 -4.86 -17.91
C GLY A 197 -1.07 -3.98 -17.48
N MET A 198 -1.36 -2.77 -17.00
CA MET A 198 -0.35 -1.79 -16.65
CA MET A 198 -0.31 -1.81 -16.66
C MET A 198 0.30 -2.15 -15.31
N GLU A 199 1.61 -1.98 -15.21
CA GLU A 199 2.32 -2.16 -13.93
C GLU A 199 1.87 -1.06 -12.95
N LEU A 200 1.64 -1.43 -11.69
CA LEU A 200 1.18 -0.51 -10.66
C LEU A 200 2.40 -0.04 -9.87
N THR A 201 2.56 1.27 -9.75
CA THR A 201 3.70 1.86 -9.07
C THR A 201 3.25 2.94 -8.10
N PHE A 202 4.10 3.27 -7.13
CA PHE A 202 3.86 4.46 -6.32
C PHE A 202 5.19 5.14 -6.00
N ASN A 203 5.12 6.40 -5.59
CA ASN A 203 6.32 7.09 -5.11
C ASN A 203 6.58 6.70 -3.65
N TYR A 204 7.69 6.04 -3.41
CA TYR A 204 8.10 5.62 -2.07
C TYR A 204 8.39 6.76 -1.11
N ASN A 205 8.74 7.94 -1.63
CA ASN A 205 9.07 9.10 -0.78
C ASN A 205 10.08 8.69 0.27
N LEU A 206 11.08 7.94 -0.16
CA LEU A 206 11.95 7.19 0.73
C LEU A 206 12.77 8.13 1.61
N ASP A 207 12.78 7.87 2.91
CA ASP A 207 13.76 8.41 3.86
C ASP A 207 14.91 7.39 3.94
N CYS A 208 16.07 7.76 3.39
CA CYS A 208 17.20 6.82 3.33
C CYS A 208 17.95 6.61 4.65
N LEU A 209 17.70 7.47 5.64
CA LEU A 209 18.30 7.33 7.00
C LEU A 209 19.82 7.43 6.98
N GLY A 212 23.77 6.08 1.71
CA GLY A 212 23.77 6.44 0.29
C GLY A 212 22.53 5.95 -0.46
N ARG A 213 22.35 6.45 -1.68
CA ARG A 213 21.16 6.13 -2.48
C ARG A 213 21.31 4.91 -3.38
N THR A 214 20.17 4.27 -3.72
CA THR A 214 20.04 3.16 -4.69
C THR A 214 19.63 3.75 -6.04
N GLU A 215 20.07 3.12 -7.13
CA GLU A 215 19.74 3.60 -8.46
C GLU A 215 18.26 3.30 -8.79
N CYS A 216 17.59 4.24 -9.45
CA CYS A 216 16.20 4.06 -9.88
C CYS A 216 16.15 3.69 -11.36
N HIS A 217 15.38 2.66 -11.69
CA HIS A 217 15.13 2.24 -13.07
C HIS A 217 13.69 2.40 -13.52
N CYS A 218 12.99 3.41 -12.95
CA CYS A 218 11.57 3.54 -13.25
C CYS A 218 11.28 3.93 -14.69
N GLY A 219 12.23 4.58 -15.33
CA GLY A 219 12.07 4.93 -16.73
C GLY A 219 11.34 6.26 -17.00
N ALA A 220 10.90 6.94 -15.94
CA ALA A 220 10.14 8.20 -16.11
C ALA A 220 11.00 9.33 -16.69
N ASP A 221 10.37 10.23 -17.44
CA ASP A 221 11.08 11.41 -17.97
C ASP A 221 11.69 12.26 -16.84
N ASN A 222 11.00 12.32 -15.70
CA ASN A 222 11.46 13.09 -14.55
C ASN A 222 12.18 12.25 -13.50
N CYS A 223 12.65 11.04 -13.85
CA CYS A 223 13.40 10.23 -12.91
C CYS A 223 14.60 10.97 -12.35
N SER A 224 14.77 10.99 -11.04
CA SER A 224 15.89 11.66 -10.39
C SER A 224 17.17 10.88 -10.60
N GLY A 225 17.01 9.58 -10.88
CA GLY A 225 18.12 8.63 -10.99
C GLY A 225 18.26 7.81 -9.72
N PHE A 226 17.54 8.17 -8.67
CA PHE A 226 17.71 7.54 -7.40
C PHE A 226 16.42 7.21 -6.78
N LEU A 227 16.49 6.10 -6.08
CA LEU A 227 15.32 5.44 -5.64
C LEU A 227 14.67 6.23 -4.52
N GLY A 228 13.35 6.31 -4.60
CA GLY A 228 12.53 6.88 -3.54
C GLY A 228 12.31 8.37 -3.65
N GLY B 2 15.87 2.23 3.45
CA GLY B 2 15.38 3.50 3.95
C GLY B 2 14.07 2.94 4.02
N VAL B 3 13.26 3.88 4.55
CA VAL B 3 11.83 3.66 4.86
C VAL B 3 10.92 4.57 4.02
N ARG B 5 7.65 6.73 3.02
CA ARG B 5 6.79 7.66 3.70
C ARG B 5 5.55 7.92 2.86
N ILE B 6 4.45 8.24 3.54
CA ILE B 6 3.16 8.45 2.90
C ILE B 6 3.16 9.73 2.05
#